data_2WRZ
#
_entry.id   2WRZ
#
_cell.length_a   79.760
_cell.length_b   86.300
_cell.length_c   116.820
_cell.angle_alpha   90.00
_cell.angle_beta   90.00
_cell.angle_gamma   90.00
#
_symmetry.space_group_name_H-M   'P 21 21 21'
#
loop_
_entity.id
_entity.type
_entity.pdbx_description
1 polymer 'L-ARABINOSE-BINDING PERIPLASMIC PROTEIN'
2 water water
#
_entity_poly.entity_id   1
_entity_poly.type   'polypeptide(L)'
_entity_poly.pdbx_seq_one_letter_code
;ENLKLGFLVAQPEEPASQTQWKFADKAGKDLGFEVIKIAVPDGEKTLNAIDSLAASGAKGFVISTPDPKLGSAIVAKARG
YDMKVIAVDNQFVNAKGKPMDTVPLVMEAATKIGERQGQELYKEMQKRGWDVKESAVMAITANELDTARRRTTGSMDALK
AAGFPEKQIYQVPTKSEDIPGAFDAANSMLVQHPEVKHWLIVGMNDSTVLGGVRATEGQGFKAADIIGIGINGVDAVSEL
SKAQATGFYGSLLPSPDVHGYKSSEMLYNWVAKDVEPPKFTEVTDVVLITRDNFKEECEKKGLGGK
;
_entity_poly.pdbx_strand_id   A,B
#
# COMPACT_ATOMS: atom_id res chain seq x y z
N GLU A 1 7.15 -6.11 38.19
CA GLU A 1 6.06 -5.10 38.30
C GLU A 1 6.22 -3.95 37.29
N ASN A 2 5.09 -3.53 36.72
CA ASN A 2 5.01 -2.32 35.89
C ASN A 2 5.81 -2.39 34.56
N LEU A 3 5.10 -2.81 33.51
CA LEU A 3 5.66 -2.97 32.19
C LEU A 3 6.23 -1.65 31.65
N LYS A 4 7.44 -1.70 31.14
CA LYS A 4 8.09 -0.50 30.57
C LYS A 4 8.26 -0.74 29.10
N LEU A 5 7.96 0.28 28.31
CA LEU A 5 8.11 0.24 26.87
C LEU A 5 8.75 1.52 26.36
N GLY A 6 9.67 1.41 25.40
CA GLY A 6 10.31 2.59 24.83
C GLY A 6 9.60 3.24 23.66
N PHE A 7 9.81 4.55 23.53
CA PHE A 7 9.40 5.30 22.34
C PHE A 7 10.56 6.24 21.98
N LEU A 8 11.19 5.95 20.85
CA LEU A 8 12.43 6.60 20.44
C LEU A 8 12.16 7.40 19.19
N VAL A 9 12.48 8.70 19.25
CA VAL A 9 12.34 9.58 18.09
C VAL A 9 13.64 10.26 17.73
N ALA A 10 13.85 10.40 16.42
CA ALA A 10 15.10 10.93 15.87
C ALA A 10 15.20 12.42 16.08
N GLN A 11 14.05 13.11 16.10
CA GLN A 11 14.06 14.57 16.07
C GLN A 11 13.16 15.14 17.16
N PRO A 12 13.65 15.14 18.40
CA PRO A 12 12.81 15.53 19.54
C PRO A 12 12.41 17.03 19.54
N GLU A 13 13.11 17.86 18.77
CA GLU A 13 12.73 19.28 18.64
C GLU A 13 11.49 19.53 17.79
N GLU A 14 11.16 18.57 16.94
CA GLU A 14 10.01 18.72 16.05
C GLU A 14 8.68 18.61 16.79
N PRO A 15 7.77 19.58 16.57
CA PRO A 15 6.41 19.52 17.11
C PRO A 15 5.76 18.13 16.97
N ALA A 16 5.86 17.53 15.78
CA ALA A 16 5.33 16.16 15.51
C ALA A 16 5.89 15.08 16.44
N SER A 17 7.20 15.11 16.68
CA SER A 17 7.84 14.18 17.61
C SER A 17 7.31 14.35 19.05
N GLN A 18 7.18 15.60 19.50
CA GLN A 18 6.59 15.91 20.81
CA GLN A 18 6.59 15.90 20.80
C GLN A 18 5.14 15.39 20.88
N THR A 19 4.41 15.51 19.78
CA THR A 19 3.06 14.97 19.71
C THR A 19 3.05 13.45 19.82
N GLN A 20 4.00 12.80 19.13
CA GLN A 20 4.13 11.34 19.21
C GLN A 20 4.33 10.86 20.66
N TRP A 21 5.21 11.57 21.38
CA TRP A 21 5.53 11.26 22.77
C TRP A 21 4.33 11.49 23.68
N LYS A 22 3.64 12.61 23.49
CA LYS A 22 2.37 12.90 24.16
C LYS A 22 1.37 11.75 24.05
N PHE A 23 1.16 11.29 22.81
CA PHE A 23 0.14 10.27 22.57
C PHE A 23 0.59 8.86 22.91
N ALA A 24 1.90 8.66 23.06
CA ALA A 24 2.41 7.40 23.55
C ALA A 24 2.17 7.31 25.05
N ASP A 25 2.37 8.43 25.74
CA ASP A 25 2.11 8.55 27.16
C ASP A 25 0.62 8.28 27.43
N LYS A 26 -0.23 8.80 26.54
CA LYS A 26 -1.67 8.54 26.59
C LYS A 26 -1.99 7.08 26.36
N ALA A 27 -1.32 6.43 25.41
CA ALA A 27 -1.44 4.99 25.27
C ALA A 27 -1.03 4.28 26.56
N GLY A 28 0.11 4.67 27.15
CA GLY A 28 0.58 4.09 28.40
C GLY A 28 -0.46 4.11 29.51
N LYS A 29 -1.04 5.27 29.77
CA LYS A 29 -2.09 5.43 30.78
C LYS A 29 -3.29 4.54 30.49
N ASP A 30 -3.78 4.57 29.26
CA ASP A 30 -4.98 3.82 28.86
C ASP A 30 -4.85 2.31 28.93
N LEU A 31 -3.62 1.81 28.84
CA LEU A 31 -3.41 0.37 28.70
C LEU A 31 -2.54 -0.22 29.80
N GLY A 32 -1.95 0.66 30.61
CA GLY A 32 -1.13 0.24 31.75
C GLY A 32 0.32 -0.12 31.46
N PHE A 33 1.09 0.81 30.92
CA PHE A 33 2.53 0.62 30.80
C PHE A 33 3.21 1.97 30.90
N GLU A 34 4.50 1.94 31.22
CA GLU A 34 5.26 3.15 31.39
C GLU A 34 6.02 3.40 30.09
N VAL A 35 6.01 4.64 29.62
CA VAL A 35 6.75 5.03 28.41
C VAL A 35 8.13 5.64 28.74
N ILE A 36 9.20 5.01 28.26
CA ILE A 36 10.55 5.60 28.36
C ILE A 36 10.91 6.30 27.04
N LYS A 37 10.98 7.63 27.09
CA LYS A 37 11.22 8.47 25.92
C LYS A 37 12.70 8.85 25.79
N ILE A 38 13.32 8.53 24.64
CA ILE A 38 14.72 8.84 24.43
C ILE A 38 14.89 9.39 23.02
N ALA A 39 15.70 10.43 22.91
CA ALA A 39 16.00 11.00 21.59
C ALA A 39 17.07 10.14 20.93
N VAL A 40 16.94 9.94 19.62
CA VAL A 40 17.89 9.12 18.87
C VAL A 40 18.28 9.81 17.54
N PRO A 41 18.99 10.99 17.61
CA PRO A 41 19.31 11.76 16.39
C PRO A 41 20.42 11.15 15.52
N ASP A 42 21.15 10.17 16.04
CA ASP A 42 22.20 9.52 15.25
C ASP A 42 22.32 8.03 15.62
N GLY A 43 23.12 7.27 14.89
CA GLY A 43 23.24 5.82 15.11
C GLY A 43 23.80 5.38 16.45
N GLU A 44 24.70 6.21 16.97
CA GLU A 44 25.34 6.00 18.27
C GLU A 44 24.32 6.08 19.40
N LYS A 45 23.55 7.16 19.41
CA LYS A 45 22.53 7.39 20.43
C LYS A 45 21.35 6.44 20.29
N THR A 46 21.11 5.98 19.06
CA THR A 46 20.14 4.91 18.73
C THR A 46 20.51 3.62 19.46
N LEU A 47 21.72 3.13 19.23
CA LEU A 47 22.25 1.96 19.93
C LEU A 47 22.32 2.12 21.45
N ASN A 48 22.74 3.30 21.92
CA ASN A 48 22.79 3.56 23.36
C ASN A 48 21.42 3.47 24.03
N ALA A 49 20.39 4.02 23.40
CA ALA A 49 19.05 4.03 23.95
C ALA A 49 18.47 2.62 24.12
N ILE A 50 18.77 1.75 23.16
CA ILE A 50 18.39 0.34 23.24
C ILE A 50 19.07 -0.35 24.42
N ASP A 51 20.38 -0.12 24.57
CA ASP A 51 21.16 -0.72 25.68
C ASP A 51 20.55 -0.24 27.01
N SER A 52 20.26 1.06 27.04
CA SER A 52 19.65 1.74 28.17
C SER A 52 18.26 1.21 28.50
N LEU A 53 17.44 1.01 27.46
CA LEU A 53 16.13 0.36 27.63
C LEU A 53 16.22 -1.04 28.22
N ALA A 54 17.13 -1.86 27.66
CA ALA A 54 17.37 -3.21 28.14
C ALA A 54 17.70 -3.24 29.64
N ALA A 55 18.64 -2.40 30.04
CA ALA A 55 19.09 -2.29 31.43
C ALA A 55 17.98 -1.78 32.34
N SER A 56 17.11 -0.91 31.82
CA SER A 56 15.93 -0.50 32.58
C SER A 56 14.83 -1.58 32.67
N GLY A 57 14.96 -2.65 31.87
CA GLY A 57 14.00 -3.78 31.85
C GLY A 57 12.82 -3.59 30.90
N ALA A 58 12.97 -2.71 29.91
CA ALA A 58 11.92 -2.49 28.95
C ALA A 58 11.80 -3.76 28.12
N LYS A 59 10.57 -4.08 27.72
CA LYS A 59 10.27 -5.33 27.03
CA LYS A 59 10.33 -5.33 27.02
C LYS A 59 10.12 -5.09 25.52
N GLY A 60 10.15 -3.83 25.11
CA GLY A 60 10.04 -3.47 23.70
C GLY A 60 10.03 -1.96 23.48
N PHE A 61 10.03 -1.57 22.22
CA PHE A 61 10.04 -0.16 21.89
C PHE A 61 9.53 0.12 20.47
N VAL A 62 9.02 1.33 20.32
CA VAL A 62 8.74 1.94 19.05
C VAL A 62 9.91 2.88 18.71
N ILE A 63 10.34 2.86 17.45
CA ILE A 63 11.34 3.80 16.98
C ILE A 63 11.03 4.49 15.63
N SER A 64 11.29 5.80 15.59
CA SER A 64 11.48 6.47 14.31
CA SER A 64 11.47 6.54 14.35
C SER A 64 12.98 6.67 14.13
N THR A 65 13.57 5.72 13.41
CA THR A 65 15.01 5.71 13.18
C THR A 65 15.49 7.02 12.52
N PRO A 66 16.69 7.51 12.90
CA PRO A 66 17.26 8.69 12.21
C PRO A 66 17.88 8.29 10.88
N ASP A 67 18.08 7.00 10.67
CA ASP A 67 18.66 6.49 9.42
C ASP A 67 18.14 5.09 9.19
N PRO A 68 17.43 4.86 8.07
CA PRO A 68 16.85 3.55 7.72
C PRO A 68 17.87 2.43 7.68
N LYS A 69 19.12 2.76 7.37
CA LYS A 69 20.18 1.76 7.23
C LYS A 69 20.72 1.35 8.56
N LEU A 70 20.14 1.89 9.64
CA LEU A 70 20.42 1.42 10.99
C LEU A 70 19.65 0.14 11.32
N GLY A 71 18.78 -0.28 10.42
CA GLY A 71 17.84 -1.38 10.67
C GLY A 71 18.41 -2.70 11.18
N SER A 72 19.41 -3.23 10.46
CA SER A 72 20.13 -4.42 10.87
C SER A 72 20.70 -4.31 12.28
N ALA A 73 21.38 -3.20 12.54
CA ALA A 73 21.98 -3.02 13.84
C ALA A 73 20.90 -2.96 14.93
N ILE A 74 19.76 -2.32 14.63
CA ILE A 74 18.64 -2.17 15.58
C ILE A 74 18.02 -3.54 15.89
N VAL A 75 17.76 -4.29 14.83
CA VAL A 75 17.15 -5.61 14.91
C VAL A 75 18.05 -6.57 15.71
N ALA A 76 19.34 -6.59 15.38
CA ALA A 76 20.26 -7.51 16.07
C ALA A 76 20.38 -7.19 17.57
N LYS A 77 20.49 -5.92 17.93
CA LYS A 77 20.65 -5.54 19.31
C LYS A 77 19.38 -5.85 20.11
N ALA A 78 18.24 -5.41 19.58
CA ALA A 78 16.94 -5.73 20.18
C ALA A 78 16.68 -7.23 20.36
N ARG A 79 17.09 -8.02 19.37
CA ARG A 79 16.95 -9.47 19.46
C ARG A 79 17.78 -10.10 20.59
N GLY A 80 19.00 -9.63 20.77
CA GLY A 80 19.86 -10.13 21.85
C GLY A 80 19.30 -9.77 23.21
N TYR A 81 18.44 -8.77 23.24
CA TYR A 81 17.84 -8.31 24.48
C TYR A 81 16.43 -8.84 24.65
N ASP A 82 15.98 -9.62 23.67
CA ASP A 82 14.60 -10.12 23.65
C ASP A 82 13.60 -8.97 23.84
N MET A 83 13.75 -7.93 23.03
CA MET A 83 12.89 -6.76 23.09
C MET A 83 12.17 -6.62 21.75
N LYS A 84 10.85 -6.47 21.82
CA LYS A 84 10.04 -6.30 20.61
C LYS A 84 10.27 -4.91 19.98
N VAL A 85 10.34 -4.86 18.65
CA VAL A 85 10.55 -3.61 17.89
C VAL A 85 9.44 -3.33 16.87
N ILE A 86 8.89 -2.11 16.96
CA ILE A 86 8.01 -1.58 15.90
C ILE A 86 8.56 -0.28 15.35
N ALA A 87 8.68 -0.21 14.02
CA ALA A 87 9.07 1.02 13.32
C ALA A 87 7.89 1.98 13.09
N VAL A 88 8.08 3.24 13.44
CA VAL A 88 7.10 4.23 13.06
C VAL A 88 7.71 5.25 12.06
N ASP A 89 6.90 5.67 11.10
CA ASP A 89 7.26 6.74 10.13
C ASP A 89 8.32 6.37 9.10
N ASN A 90 9.45 5.79 9.53
CA ASN A 90 10.56 5.44 8.63
C ASN A 90 10.86 3.92 8.59
N GLN A 91 10.69 3.34 7.41
CA GLN A 91 10.95 1.92 7.22
C GLN A 91 12.43 1.61 7.31
N PHE A 92 12.75 0.50 7.96
CA PHE A 92 14.13 -0.02 7.99
C PHE A 92 14.51 -0.55 6.61
N VAL A 93 15.79 -0.43 6.26
CA VAL A 93 16.32 -1.09 5.07
C VAL A 93 17.59 -1.87 5.42
N ASN A 94 17.93 -2.85 4.58
CA ASN A 94 19.16 -3.63 4.78
C ASN A 94 20.40 -2.95 4.20
N ALA A 95 21.50 -3.71 4.17
CA ALA A 95 22.78 -3.22 3.61
C ALA A 95 22.74 -3.03 2.09
N LYS A 96 21.73 -3.61 1.44
CA LYS A 96 21.54 -3.42 0.01
C LYS A 96 20.43 -2.39 -0.29
N GLY A 97 19.87 -1.81 0.77
CA GLY A 97 18.87 -0.75 0.61
C GLY A 97 17.48 -1.27 0.30
N LYS A 98 17.29 -2.58 0.35
CA LYS A 98 15.97 -3.19 0.18
C LYS A 98 15.21 -3.05 1.50
N PRO A 99 13.89 -2.80 1.43
CA PRO A 99 13.12 -2.61 2.66
C PRO A 99 13.05 -3.90 3.47
N MET A 100 13.30 -3.79 4.77
CA MET A 100 13.15 -4.89 5.72
C MET A 100 11.68 -5.04 6.09
N ASP A 101 11.04 -6.05 5.51
CA ASP A 101 9.61 -6.25 5.71
C ASP A 101 9.28 -7.08 6.95
N THR A 102 10.30 -7.54 7.66
CA THR A 102 10.05 -8.32 8.87
C THR A 102 9.66 -7.45 10.07
N VAL A 103 10.17 -6.22 10.11
CA VAL A 103 9.87 -5.34 11.25
C VAL A 103 8.52 -4.69 11.02
N PRO A 104 7.56 -4.90 11.95
CA PRO A 104 6.27 -4.21 11.80
C PRO A 104 6.45 -2.69 11.69
N LEU A 105 5.66 -2.12 10.80
CA LEU A 105 5.77 -0.74 10.41
C LEU A 105 4.39 -0.10 10.54
N VAL A 106 4.38 1.10 11.09
CA VAL A 106 3.17 1.88 11.27
C VAL A 106 3.40 3.26 10.70
N MET A 107 2.65 3.60 9.65
CA MET A 107 2.61 4.96 9.07
C MET A 107 1.44 5.12 8.09
N GLU A 108 1.34 6.28 7.41
CA GLU A 108 0.35 6.44 6.32
C GLU A 108 0.73 5.61 5.10
N ALA A 109 -0.26 5.24 4.30
CA ALA A 109 0.04 4.58 3.04
C ALA A 109 0.38 5.67 2.02
N ALA A 110 1.48 5.45 1.30
CA ALA A 110 2.01 6.42 0.35
C ALA A 110 1.01 6.69 -0.78
N THR A 111 0.33 5.64 -1.23
CA THR A 111 -0.70 5.77 -2.27
C THR A 111 -1.84 6.66 -1.80
N LYS A 112 -2.30 6.42 -0.58
CA LYS A 112 -3.44 7.15 -0.05
C LYS A 112 -3.20 8.64 0.17
N ILE A 113 -1.98 8.98 0.58
CA ILE A 113 -1.66 10.39 0.75
C ILE A 113 -1.44 11.02 -0.65
N GLY A 114 -0.93 10.23 -1.58
CA GLY A 114 -0.83 10.64 -2.98
C GLY A 114 -2.20 10.98 -3.54
N GLU A 115 -3.16 10.07 -3.33
CA GLU A 115 -4.55 10.21 -3.79
C GLU A 115 -5.22 11.46 -3.23
N ARG A 116 -5.05 11.64 -1.93
CA ARG A 116 -5.49 12.84 -1.26
C ARG A 116 -4.91 14.09 -1.93
N GLN A 117 -3.62 14.09 -2.27
CA GLN A 117 -3.06 15.21 -3.05
C GLN A 117 -3.87 15.47 -4.35
N GLY A 118 -4.01 14.45 -5.20
CA GLY A 118 -4.73 14.60 -6.45
C GLY A 118 -6.16 15.09 -6.29
N GLN A 119 -6.81 14.63 -5.21
CA GLN A 119 -8.16 15.08 -4.88
C GLN A 119 -8.21 16.57 -4.52
N GLU A 120 -7.25 17.04 -3.73
CA GLU A 120 -7.25 18.43 -3.29
C GLU A 120 -6.84 19.39 -4.42
N LEU A 121 -5.95 18.92 -5.30
CA LEU A 121 -5.54 19.71 -6.47
C LEU A 121 -6.77 19.98 -7.32
N TYR A 122 -7.50 18.92 -7.64
CA TYR A 122 -8.71 19.02 -8.46
C TYR A 122 -9.79 19.89 -7.82
N LYS A 123 -9.86 19.84 -6.49
CA LYS A 123 -10.84 20.63 -5.75
C LYS A 123 -10.50 22.11 -5.75
N GLU A 124 -9.22 22.44 -5.63
CA GLU A 124 -8.80 23.83 -5.68
C GLU A 124 -8.96 24.38 -7.11
N MET A 125 -8.67 23.54 -8.10
CA MET A 125 -8.87 23.86 -9.50
C MET A 125 -10.33 24.18 -9.85
N GLN A 126 -11.24 23.26 -9.50
CA GLN A 126 -12.68 23.48 -9.70
C GLN A 126 -13.13 24.77 -9.03
N LYS A 127 -12.63 25.03 -7.82
CA LYS A 127 -12.93 26.24 -7.06
C LYS A 127 -12.54 27.51 -7.83
N ARG A 128 -11.32 27.54 -8.37
CA ARG A 128 -10.84 28.69 -9.15
C ARG A 128 -11.53 28.81 -10.54
N GLY A 129 -12.09 27.72 -11.04
CA GLY A 129 -12.84 27.76 -12.30
C GLY A 129 -12.02 27.76 -13.58
N TRP A 130 -10.79 27.25 -13.50
CA TRP A 130 -9.91 27.11 -14.66
C TRP A 130 -10.61 26.37 -15.79
N ASP A 131 -10.40 26.85 -17.00
CA ASP A 131 -10.78 26.12 -18.19
C ASP A 131 -9.84 24.93 -18.30
N VAL A 132 -10.40 23.73 -18.17
CA VAL A 132 -9.65 22.50 -18.22
C VAL A 132 -8.93 22.32 -19.56
N LYS A 133 -9.43 22.98 -20.62
CA LYS A 133 -8.81 22.91 -21.95
C LYS A 133 -7.43 23.56 -22.02
N GLU A 134 -7.24 24.62 -21.25
CA GLU A 134 -5.95 25.31 -21.25
C GLU A 134 -5.08 25.00 -20.00
N SER A 135 -5.38 23.84 -19.39
CA SER A 135 -4.80 23.41 -18.11
C SER A 135 -4.08 22.09 -18.28
N ALA A 136 -3.13 21.80 -17.39
CA ALA A 136 -2.48 20.48 -17.36
C ALA A 136 -1.87 20.13 -16.01
N VAL A 137 -1.43 18.88 -15.91
CA VAL A 137 -0.71 18.39 -14.75
C VAL A 137 0.77 18.24 -15.07
N MET A 138 1.58 18.84 -14.21
CA MET A 138 3.01 18.61 -14.21
C MET A 138 3.32 17.66 -13.04
N ALA A 139 3.64 16.41 -13.36
CA ALA A 139 4.06 15.46 -12.32
C ALA A 139 5.56 15.26 -12.31
N ILE A 140 6.20 15.82 -11.29
CA ILE A 140 7.65 15.69 -11.09
C ILE A 140 7.92 14.42 -10.30
N THR A 141 8.56 13.44 -10.93
CA THR A 141 8.59 12.09 -10.35
C THR A 141 10.01 11.67 -9.94
N ALA A 142 10.07 10.75 -8.97
CA ALA A 142 11.31 10.10 -8.58
C ALA A 142 10.97 8.60 -8.44
N ASN A 143 10.71 7.96 -9.57
CA ASN A 143 10.07 6.65 -9.59
C ASN A 143 10.97 5.53 -9.12
N GLU A 144 12.25 5.84 -9.02
CA GLU A 144 13.21 4.87 -8.52
C GLU A 144 13.18 4.82 -7.00
N LEU A 145 12.41 5.72 -6.39
CA LEU A 145 12.08 5.63 -4.97
C LEU A 145 10.67 5.11 -4.86
N ASP A 146 10.48 4.06 -4.04
N ASP A 146 10.50 4.04 -4.05
CA ASP A 146 9.16 3.43 -3.93
CA ASP A 146 9.20 3.39 -3.86
C ASP A 146 8.08 4.33 -3.33
C ASP A 146 8.10 4.32 -3.34
N THR A 147 8.42 5.06 -2.28
CA THR A 147 7.45 5.94 -1.64
C THR A 147 7.08 7.16 -2.54
N ALA A 148 8.03 7.69 -3.30
CA ALA A 148 7.77 8.78 -4.24
C ALA A 148 6.82 8.31 -5.36
N ARG A 149 7.18 7.18 -5.96
N ARG A 149 7.15 7.18 -5.99
CA ARG A 149 6.42 6.50 -7.00
CA ARG A 149 6.32 6.59 -7.04
C ARG A 149 4.96 6.28 -6.62
C ARG A 149 4.88 6.37 -6.59
N ARG A 150 4.72 5.78 -5.41
CA ARG A 150 3.38 5.49 -4.94
CA ARG A 150 3.42 5.50 -4.82
C ARG A 150 2.60 6.78 -4.67
N ARG A 151 3.28 7.82 -4.18
CA ARG A 151 2.65 9.13 -4.00
C ARG A 151 2.24 9.79 -5.33
N THR A 152 3.13 9.81 -6.30
CA THR A 152 2.84 10.51 -7.53
C THR A 152 1.85 9.73 -8.39
N THR A 153 1.94 8.39 -8.36
CA THR A 153 0.96 7.54 -9.07
C THR A 153 -0.42 7.71 -8.46
N GLY A 154 -0.49 7.69 -7.13
CA GLY A 154 -1.74 7.88 -6.42
C GLY A 154 -2.38 9.21 -6.75
N SER A 155 -1.56 10.26 -6.80
CA SER A 155 -2.04 11.62 -7.08
C SER A 155 -2.64 11.74 -8.49
N MET A 156 -1.85 11.28 -9.48
CA MET A 156 -2.30 11.21 -10.88
C MET A 156 -3.55 10.32 -11.06
N ASP A 157 -3.63 9.20 -10.36
CA ASP A 157 -4.80 8.32 -10.44
C ASP A 157 -6.06 9.02 -9.94
N ALA A 158 -5.96 9.66 -8.78
CA ALA A 158 -7.04 10.47 -8.24
C ALA A 158 -7.44 11.59 -9.19
N LEU A 159 -6.45 12.20 -9.86
CA LEU A 159 -6.72 13.27 -10.79
C LEU A 159 -7.49 12.77 -12.01
N LYS A 160 -7.04 11.65 -12.58
CA LYS A 160 -7.73 10.96 -13.68
C LYS A 160 -9.16 10.53 -13.32
N ALA A 161 -9.30 9.92 -12.14
CA ALA A 161 -10.60 9.49 -11.59
C ALA A 161 -11.59 10.64 -11.39
N ALA A 162 -11.09 11.80 -10.97
CA ALA A 162 -11.92 13.01 -10.81
C ALA A 162 -12.30 13.65 -12.14
N GLY A 163 -11.77 13.15 -13.24
CA GLY A 163 -12.17 13.59 -14.57
C GLY A 163 -11.17 14.46 -15.32
N PHE A 164 -9.96 14.63 -14.77
CA PHE A 164 -8.92 15.37 -15.47
C PHE A 164 -8.45 14.52 -16.65
N PRO A 165 -8.37 15.13 -17.85
CA PRO A 165 -8.02 14.38 -19.08
C PRO A 165 -6.59 13.80 -19.06
N GLU A 166 -6.49 12.48 -19.11
CA GLU A 166 -5.19 11.78 -19.09
C GLU A 166 -4.14 12.33 -20.08
N LYS A 167 -4.62 12.80 -21.24
CA LYS A 167 -3.80 13.41 -22.29
C LYS A 167 -3.11 14.71 -21.87
N GLN A 168 -3.63 15.36 -20.83
CA GLN A 168 -3.05 16.60 -20.31
C GLN A 168 -2.26 16.42 -19.00
N ILE A 169 -1.94 15.18 -18.68
CA ILE A 169 -1.08 14.88 -17.54
C ILE A 169 0.33 14.57 -18.05
N TYR A 170 1.27 15.45 -17.74
CA TYR A 170 2.64 15.28 -18.20
C TYR A 170 3.60 14.98 -17.05
N GLN A 171 4.49 14.04 -17.31
CA GLN A 171 5.43 13.53 -16.33
C GLN A 171 6.86 13.89 -16.65
N VAL A 172 7.63 14.18 -15.62
CA VAL A 172 9.03 14.49 -15.81
C VAL A 172 9.87 13.97 -14.65
N PRO A 173 10.85 13.11 -14.95
CA PRO A 173 11.70 12.58 -13.88
C PRO A 173 12.60 13.67 -13.32
N THR A 174 12.70 13.75 -12.01
CA THR A 174 13.68 14.64 -11.39
C THR A 174 14.97 13.87 -11.12
N LYS A 175 16.12 14.52 -11.28
CA LYS A 175 17.39 13.89 -10.97
C LYS A 175 17.80 13.94 -9.47
N SER A 176 17.07 14.69 -8.66
CA SER A 176 17.33 14.78 -7.22
C SER A 176 16.11 15.35 -6.51
N GLU A 177 16.00 15.12 -5.19
CA GLU A 177 14.72 15.43 -4.50
C GLU A 177 14.69 16.84 -3.90
N ASP A 178 15.82 17.52 -4.02
CA ASP A 178 15.97 18.92 -3.65
C ASP A 178 15.12 19.84 -4.53
N ILE A 179 15.00 21.10 -4.12
CA ILE A 179 14.44 22.17 -4.95
C ILE A 179 15.09 22.20 -6.35
N PRO A 180 16.45 22.29 -6.43
CA PRO A 180 17.17 22.40 -7.71
C PRO A 180 16.79 21.37 -8.79
N GLY A 181 16.72 20.10 -8.40
CA GLY A 181 16.33 19.02 -9.32
C GLY A 181 14.88 19.12 -9.81
N ALA A 182 13.99 19.47 -8.88
CA ALA A 182 12.57 19.61 -9.20
C ALA A 182 12.31 20.83 -10.10
N PHE A 183 13.08 21.89 -9.85
CA PHE A 183 13.13 23.11 -10.62
C PHE A 183 13.59 22.83 -12.06
N ASP A 184 14.66 22.04 -12.21
CA ASP A 184 15.18 21.67 -13.53
C ASP A 184 14.17 20.85 -14.32
N ALA A 185 13.54 19.89 -13.64
CA ALA A 185 12.47 19.09 -14.24
C ALA A 185 11.24 19.91 -14.62
N ALA A 186 10.79 20.78 -13.70
CA ALA A 186 9.65 21.68 -13.98
C ALA A 186 9.93 22.61 -15.18
N ASN A 187 11.15 23.12 -15.23
CA ASN A 187 11.60 23.97 -16.34
C ASN A 187 11.52 23.31 -17.70
N SER A 188 11.94 22.05 -17.79
CA SER A 188 11.94 21.37 -19.07
C SER A 188 10.50 21.06 -19.52
N MET A 189 9.58 20.97 -18.55
CA MET A 189 8.19 20.71 -18.83
C MET A 189 7.51 21.97 -19.34
N LEU A 190 7.88 23.10 -18.73
CA LEU A 190 7.34 24.38 -19.14
C LEU A 190 7.76 24.70 -20.57
N VAL A 191 8.99 24.39 -20.95
CA VAL A 191 9.47 24.70 -22.30
C VAL A 191 8.87 23.75 -23.32
N GLN A 192 8.51 22.55 -22.89
CA GLN A 192 7.93 21.60 -23.83
CA GLN A 192 7.93 21.56 -23.78
C GLN A 192 6.42 21.75 -23.96
N HIS A 193 5.83 22.69 -23.21
CA HIS A 193 4.36 22.82 -23.22
C HIS A 193 3.86 24.23 -22.97
N PRO A 194 4.19 25.19 -23.88
CA PRO A 194 3.81 26.59 -23.66
C PRO A 194 2.33 26.88 -23.92
N GLU A 195 1.63 25.98 -24.61
CA GLU A 195 0.16 26.06 -24.78
C GLU A 195 -0.65 25.92 -23.49
N VAL A 196 0.03 25.69 -22.35
CA VAL A 196 -0.65 25.52 -21.06
C VAL A 196 -0.67 26.83 -20.32
N LYS A 197 -1.87 27.23 -19.88
CA LYS A 197 -2.05 28.48 -19.14
C LYS A 197 -2.15 28.29 -17.62
N HIS A 198 -2.54 27.10 -17.20
CA HIS A 198 -2.75 26.79 -15.78
C HIS A 198 -2.20 25.42 -15.46
N TRP A 199 -1.36 25.37 -14.42
CA TRP A 199 -0.62 24.14 -14.07
C TRP A 199 -0.99 23.63 -12.69
N LEU A 200 -1.36 22.36 -12.64
CA LEU A 200 -1.36 21.60 -11.38
C LEU A 200 0.00 20.93 -11.25
N ILE A 201 0.66 21.15 -10.10
CA ILE A 201 1.97 20.60 -9.81
C ILE A 201 1.86 19.45 -8.81
N VAL A 202 2.13 18.24 -9.32
CA VAL A 202 2.23 17.01 -8.53
C VAL A 202 3.71 16.71 -8.21
N GLY A 203 3.97 16.29 -6.98
CA GLY A 203 5.32 15.90 -6.56
C GLY A 203 5.22 15.19 -5.24
N MET A 204 6.28 14.50 -4.83
CA MET A 204 6.21 13.59 -3.68
C MET A 204 6.31 14.30 -2.30
N ASN A 205 6.93 15.48 -2.27
CA ASN A 205 7.09 16.23 -1.02
C ASN A 205 6.98 17.74 -1.26
N ASP A 206 7.09 18.49 -0.15
CA ASP A 206 7.08 19.94 -0.23
C ASP A 206 8.20 20.43 -1.15
N SER A 207 9.42 19.96 -0.93
CA SER A 207 10.54 20.50 -1.66
C SER A 207 10.37 20.36 -3.19
N THR A 208 9.79 19.24 -3.61
CA THR A 208 9.62 18.88 -5.02
C THR A 208 8.60 19.80 -5.68
N VAL A 209 7.44 19.94 -5.04
CA VAL A 209 6.37 20.84 -5.48
C VAL A 209 6.83 22.30 -5.53
N LEU A 210 7.67 22.69 -4.57
CA LEU A 210 8.23 24.05 -4.49
C LEU A 210 9.20 24.43 -5.59
N GLY A 211 10.11 23.51 -5.94
CA GLY A 211 10.90 23.64 -7.16
C GLY A 211 10.00 23.87 -8.35
N GLY A 212 8.85 23.21 -8.33
CA GLY A 212 7.84 23.37 -9.37
C GLY A 212 7.34 24.81 -9.43
N VAL A 213 6.89 25.28 -8.28
CA VAL A 213 6.33 26.60 -8.14
C VAL A 213 7.37 27.65 -8.51
N ARG A 214 8.59 27.51 -8.00
CA ARG A 214 9.68 28.44 -8.29
C ARG A 214 9.97 28.54 -9.79
N ALA A 215 9.91 27.42 -10.50
CA ALA A 215 10.19 27.44 -11.92
C ALA A 215 9.11 28.21 -12.69
N THR A 216 7.86 28.02 -12.26
CA THR A 216 6.72 28.73 -12.86
C THR A 216 6.77 30.25 -12.64
N GLU A 217 7.31 30.66 -11.50
CA GLU A 217 7.50 32.08 -11.24
C GLU A 217 8.47 32.66 -12.26
N GLY A 218 9.58 31.96 -12.47
CA GLY A 218 10.62 32.40 -13.40
C GLY A 218 10.13 32.56 -14.83
N GLN A 219 9.07 31.82 -15.16
CA GLN A 219 8.46 31.86 -16.48
C GLN A 219 7.23 32.74 -16.52
N GLY A 220 7.06 33.55 -15.49
CA GLY A 220 6.00 34.56 -15.47
C GLY A 220 4.58 34.10 -15.15
N PHE A 221 4.42 32.89 -14.63
CA PHE A 221 3.09 32.42 -14.21
C PHE A 221 2.66 33.04 -12.89
N LYS A 222 1.40 33.44 -12.80
CA LYS A 222 0.84 34.05 -11.58
C LYS A 222 0.40 32.95 -10.64
N ALA A 223 0.39 33.27 -9.34
CA ALA A 223 -0.09 32.38 -8.29
C ALA A 223 -1.44 31.77 -8.62
N ALA A 224 -2.36 32.58 -9.17
CA ALA A 224 -3.72 32.15 -9.39
C ALA A 224 -3.82 31.06 -10.47
N ASP A 225 -2.76 30.99 -11.29
CA ASP A 225 -2.69 30.07 -12.42
C ASP A 225 -1.89 28.79 -12.13
N ILE A 226 -1.40 28.68 -10.90
CA ILE A 226 -0.60 27.56 -10.44
C ILE A 226 -1.13 26.97 -9.11
N ILE A 227 -1.42 25.66 -9.08
CA ILE A 227 -1.73 24.95 -7.82
C ILE A 227 -0.74 23.81 -7.57
N GLY A 228 -0.05 23.89 -6.43
CA GLY A 228 0.81 22.80 -5.94
C GLY A 228 0.56 22.51 -4.45
N ILE A 229 0.42 21.23 -4.11
CA ILE A 229 0.24 20.80 -2.71
C ILE A 229 1.32 19.82 -2.27
N GLY A 230 2.07 20.22 -1.25
CA GLY A 230 3.16 19.41 -0.73
C GLY A 230 2.67 18.23 0.09
N ILE A 231 3.61 17.37 0.48
CA ILE A 231 3.34 16.27 1.41
C ILE A 231 4.38 16.29 2.55
N ASN A 232 3.90 16.24 3.79
CA ASN A 232 4.76 16.13 5.01
C ASN A 232 5.28 17.45 5.55
N GLY A 233 4.87 18.55 4.92
CA GLY A 233 5.07 19.90 5.45
C GLY A 233 6.45 20.33 5.87
N VAL A 234 7.49 19.75 5.28
CA VAL A 234 8.87 20.15 5.61
C VAL A 234 9.11 21.65 5.36
N ASP A 235 8.52 22.17 4.29
CA ASP A 235 8.68 23.58 3.93
C ASP A 235 7.41 24.41 4.04
N ALA A 236 6.32 23.78 4.46
CA ALA A 236 5.01 24.44 4.41
C ALA A 236 4.94 25.74 5.19
N VAL A 237 5.45 25.76 6.43
CA VAL A 237 5.33 26.95 7.28
C VAL A 237 5.97 28.20 6.65
N SER A 238 7.25 28.12 6.31
CA SER A 238 7.95 29.28 5.77
C SER A 238 7.32 29.79 4.48
N GLU A 239 6.88 28.87 3.62
CA GLU A 239 6.26 29.22 2.35
C GLU A 239 4.89 29.85 2.50
N LEU A 240 4.06 29.26 3.36
CA LEU A 240 2.72 29.79 3.64
C LEU A 240 2.76 31.07 4.50
N SER A 241 3.87 31.29 5.21
CA SER A 241 4.05 32.48 6.07
C SER A 241 4.43 33.74 5.31
N LYS A 242 4.66 33.61 4.00
CA LYS A 242 5.06 34.76 3.17
C LYS A 242 3.98 35.84 3.10
N ALA A 243 4.39 37.06 2.78
CA ALA A 243 3.46 38.18 2.63
C ALA A 243 2.43 37.93 1.52
N GLN A 244 2.89 37.42 0.38
CA GLN A 244 2.00 37.19 -0.75
C GLN A 244 1.60 35.71 -0.87
N ALA A 245 0.43 35.47 -1.46
CA ALA A 245 0.02 34.12 -1.86
C ALA A 245 0.84 33.63 -3.05
N THR A 246 1.24 32.36 -3.01
CA THR A 246 2.04 31.77 -4.11
C THR A 246 1.37 30.57 -4.77
N GLY A 247 2.05 29.97 -5.74
CA GLY A 247 1.56 28.75 -6.39
C GLY A 247 1.49 27.55 -5.45
N PHE A 248 2.23 27.63 -4.34
CA PHE A 248 2.20 26.62 -3.28
C PHE A 248 0.93 26.81 -2.44
N TYR A 249 -0.09 26.04 -2.76
CA TYR A 249 -1.40 26.20 -2.12
C TYR A 249 -1.45 25.63 -0.69
N GLY A 250 -0.79 24.49 -0.47
CA GLY A 250 -0.86 23.83 0.82
C GLY A 250 0.06 22.64 0.95
N SER A 251 -0.17 21.87 2.02
CA SER A 251 0.59 20.66 2.29
C SER A 251 -0.20 19.64 3.11
N LEU A 252 0.09 18.38 2.84
CA LEU A 252 -0.58 17.27 3.50
C LEU A 252 0.30 16.71 4.60
N LEU A 253 -0.22 16.73 5.82
CA LEU A 253 0.57 16.26 6.98
C LEU A 253 -0.13 15.09 7.67
N PRO A 254 0.53 13.92 7.72
CA PRO A 254 -0.02 12.81 8.49
C PRO A 254 -0.11 13.21 9.96
N SER A 255 -1.11 12.67 10.67
CA SER A 255 -1.32 13.04 12.08
C SER A 255 -0.41 12.25 13.03
N PRO A 256 0.58 12.93 13.64
CA PRO A 256 1.56 12.31 14.52
C PRO A 256 0.96 11.76 15.84
N ASP A 257 -0.16 12.35 16.28
CA ASP A 257 -0.93 11.87 17.43
C ASP A 257 -1.41 10.43 17.25
N VAL A 258 -1.90 10.13 16.05
CA VAL A 258 -2.39 8.78 15.76
C VAL A 258 -1.21 7.82 15.55
N HIS A 259 -0.15 8.29 14.90
CA HIS A 259 1.07 7.52 14.75
C HIS A 259 1.66 7.10 16.10
N GLY A 260 1.80 8.05 17.02
CA GLY A 260 2.26 7.79 18.36
C GLY A 260 1.40 6.83 19.16
N TYR A 261 0.09 7.08 19.18
CA TYR A 261 -0.84 6.25 19.95
C TYR A 261 -0.86 4.82 19.41
N LYS A 262 -1.03 4.71 18.09
CA LYS A 262 -1.33 3.44 17.46
C LYS A 262 -0.12 2.52 17.52
N SER A 263 1.05 3.05 17.17
CA SER A 263 2.30 2.25 17.30
C SER A 263 2.48 1.71 18.72
N SER A 264 2.22 2.55 19.71
CA SER A 264 2.40 2.18 21.11
C SER A 264 1.45 1.08 21.50
N GLU A 265 0.22 1.20 21.02
CA GLU A 265 -0.83 0.23 21.28
C GLU A 265 -0.52 -1.14 20.69
N MET A 266 -0.03 -1.14 19.46
CA MET A 266 0.40 -2.36 18.78
CA MET A 266 0.41 -2.37 18.79
C MET A 266 1.57 -3.04 19.51
N LEU A 267 2.47 -2.23 20.06
CA LEU A 267 3.62 -2.73 20.77
C LEU A 267 3.16 -3.36 22.08
N TYR A 268 2.31 -2.65 22.80
CA TYR A 268 1.74 -3.18 24.02
C TYR A 268 1.01 -4.52 23.79
N ASN A 269 0.23 -4.60 22.72
CA ASN A 269 -0.52 -5.83 22.46
C ASN A 269 0.41 -7.00 22.15
N TRP A 270 1.49 -6.69 21.45
CA TRP A 270 2.50 -7.68 21.15
C TRP A 270 3.14 -8.21 22.45
N VAL A 271 3.63 -7.28 23.26
CA VAL A 271 4.37 -7.61 24.47
C VAL A 271 3.46 -8.22 25.55
N ALA A 272 2.33 -7.58 25.82
CA ALA A 272 1.50 -7.99 26.96
C ALA A 272 0.53 -9.11 26.64
N LYS A 273 0.13 -9.23 25.38
CA LYS A 273 -0.93 -10.16 25.00
C LYS A 273 -0.55 -11.10 23.88
N ASP A 274 0.69 -10.99 23.42
CA ASP A 274 1.23 -11.90 22.43
C ASP A 274 0.46 -11.84 21.11
N VAL A 275 0.06 -10.63 20.72
CA VAL A 275 -0.55 -10.44 19.42
C VAL A 275 0.46 -9.80 18.44
N GLU A 276 1.05 -10.63 17.60
CA GLU A 276 2.00 -10.15 16.63
C GLU A 276 1.28 -9.17 15.70
N PRO A 277 1.89 -7.98 15.48
CA PRO A 277 1.33 -7.01 14.53
C PRO A 277 1.53 -7.50 13.09
N PRO A 278 0.72 -6.99 12.14
CA PRO A 278 1.00 -7.22 10.72
C PRO A 278 2.27 -6.51 10.30
N LYS A 279 2.85 -6.89 9.18
CA LYS A 279 4.03 -6.22 8.64
C LYS A 279 3.84 -4.72 8.45
N PHE A 280 2.65 -4.33 7.99
CA PHE A 280 2.33 -2.93 7.77
C PHE A 280 0.96 -2.62 8.34
N THR A 281 0.89 -1.53 9.12
CA THR A 281 -0.34 -1.03 9.71
C THR A 281 -0.54 0.42 9.28
N GLU A 282 -1.46 0.58 8.35
CA GLU A 282 -1.76 1.84 7.72
C GLU A 282 -2.49 2.72 8.70
N VAL A 283 -2.04 3.96 8.77
CA VAL A 283 -2.70 5.02 9.50
C VAL A 283 -3.11 6.05 8.44
N THR A 284 -4.39 6.43 8.43
CA THR A 284 -4.95 7.23 7.33
C THR A 284 -5.06 8.73 7.59
N ASP A 285 -5.24 9.11 8.84
CA ASP A 285 -5.50 10.52 9.20
CA ASP A 285 -5.47 10.50 9.23
C ASP A 285 -4.45 11.49 8.63
N VAL A 286 -4.92 12.38 7.77
CA VAL A 286 -4.06 13.37 7.13
C VAL A 286 -4.77 14.71 7.03
N VAL A 287 -4.06 15.75 7.44
CA VAL A 287 -4.60 17.10 7.45
C VAL A 287 -3.94 17.99 6.38
N LEU A 288 -4.77 18.82 5.72
CA LEU A 288 -4.26 19.82 4.78
C LEU A 288 -4.08 21.20 5.43
N ILE A 289 -2.84 21.65 5.54
CA ILE A 289 -2.58 23.03 5.96
C ILE A 289 -2.43 23.96 4.74
N THR A 290 -3.20 25.05 4.74
CA THR A 290 -3.13 26.09 3.71
C THR A 290 -2.77 27.42 4.38
N ARG A 291 -2.55 28.47 3.60
CA ARG A 291 -2.32 29.82 4.14
C ARG A 291 -3.43 30.19 5.13
N ASP A 292 -4.67 30.00 4.70
CA ASP A 292 -5.88 30.29 5.46
C ASP A 292 -5.92 29.73 6.88
N ASN A 293 -5.31 28.57 7.10
CA ASN A 293 -5.47 27.87 8.37
C ASN A 293 -4.21 27.48 9.13
N PHE A 294 -3.03 27.62 8.51
CA PHE A 294 -1.81 27.07 9.11
C PHE A 294 -1.47 27.63 10.50
N LYS A 295 -2.10 28.77 10.83
CA LYS A 295 -1.99 29.34 12.17
C LYS A 295 -2.72 28.47 13.18
N GLU A 296 -4.05 28.42 13.08
CA GLU A 296 -4.88 27.55 13.93
C GLU A 296 -4.57 26.05 13.79
N GLU A 297 -4.04 25.64 12.63
CA GLU A 297 -3.80 24.23 12.34
C GLU A 297 -2.48 23.71 12.93
N CYS A 298 -1.40 24.47 12.76
CA CYS A 298 -0.13 24.17 13.45
C CYS A 298 -0.18 24.68 14.89
N GLU A 299 -1.12 24.11 15.61
CA GLU A 299 -1.25 24.27 17.03
C GLU A 299 -0.68 22.95 17.44
N LYS A 300 -0.79 21.97 16.55
N GLU B 1 -15.23 -25.28 30.71
CA GLU B 1 -15.80 -25.38 29.32
C GLU B 1 -14.98 -24.47 28.37
N ASN B 2 -14.90 -24.87 27.10
CA ASN B 2 -14.10 -24.13 26.15
C ASN B 2 -14.78 -22.86 25.63
N LEU B 3 -13.98 -21.89 25.24
CA LEU B 3 -14.47 -20.73 24.52
C LEU B 3 -15.11 -21.18 23.20
N LYS B 4 -16.30 -20.67 22.92
CA LYS B 4 -16.98 -20.92 21.65
C LYS B 4 -17.15 -19.65 20.82
N LEU B 5 -16.94 -19.78 19.51
CA LEU B 5 -17.10 -18.68 18.58
C LEU B 5 -17.87 -19.24 17.39
N GLY B 6 -18.70 -18.43 16.76
CA GLY B 6 -19.47 -18.86 15.62
C GLY B 6 -18.79 -18.48 14.29
N PHE B 7 -19.10 -19.22 13.25
CA PHE B 7 -18.64 -18.82 11.93
C PHE B 7 -19.79 -19.05 11.01
N LEU B 8 -20.44 -17.96 10.60
CA LEU B 8 -21.67 -18.01 9.81
C LEU B 8 -21.44 -17.72 8.34
N VAL B 9 -21.73 -18.70 7.50
CA VAL B 9 -21.45 -18.61 6.06
C VAL B 9 -22.72 -18.67 5.22
N ALA B 10 -22.92 -17.69 4.36
CA ALA B 10 -24.14 -17.67 3.54
C ALA B 10 -24.19 -18.85 2.55
N GLN B 11 -23.08 -19.06 1.85
CA GLN B 11 -23.03 -20.11 0.83
CA GLN B 11 -22.99 -20.08 0.81
C GLN B 11 -21.85 -21.04 1.09
N PRO B 12 -22.05 -22.03 1.99
CA PRO B 12 -20.93 -22.90 2.37
C PRO B 12 -20.43 -23.88 1.30
N GLU B 13 -21.21 -24.01 0.24
CA GLU B 13 -20.89 -24.92 -0.85
C GLU B 13 -20.16 -24.21 -2.00
N GLU B 14 -20.21 -22.88 -2.01
CA GLU B 14 -19.52 -22.07 -3.02
C GLU B 14 -17.99 -22.15 -2.81
N PRO B 15 -17.23 -22.31 -3.92
CA PRO B 15 -15.77 -22.53 -3.86
C PRO B 15 -15.04 -21.49 -3.01
N ALA B 16 -15.40 -20.21 -3.19
CA ALA B 16 -14.78 -19.11 -2.45
C ALA B 16 -14.93 -19.23 -0.91
N SER B 17 -16.09 -19.71 -0.45
CA SER B 17 -16.39 -19.88 0.97
C SER B 17 -16.13 -21.29 1.48
N GLN B 18 -16.18 -22.24 0.56
CA GLN B 18 -16.09 -23.68 0.85
C GLN B 18 -15.08 -24.03 1.94
N THR B 19 -13.97 -23.29 1.95
CA THR B 19 -12.79 -23.64 2.70
C THR B 19 -12.74 -23.02 4.10
N GLN B 20 -13.50 -21.95 4.30
CA GLN B 20 -13.45 -21.11 5.51
C GLN B 20 -13.69 -21.86 6.83
N TRP B 21 -14.64 -22.79 6.82
CA TRP B 21 -14.96 -23.58 8.00
C TRP B 21 -13.80 -24.45 8.49
N LYS B 22 -13.09 -25.09 7.55
CA LYS B 22 -11.90 -25.91 7.87
C LYS B 22 -10.82 -25.06 8.53
N PHE B 23 -10.60 -23.87 7.99
CA PHE B 23 -9.58 -22.95 8.50
C PHE B 23 -9.98 -22.27 9.79
N ALA B 24 -11.27 -21.96 9.93
CA ALA B 24 -11.82 -21.52 11.22
C ALA B 24 -11.57 -22.62 12.28
N ASP B 25 -11.84 -23.87 11.92
CA ASP B 25 -11.62 -24.99 12.84
C ASP B 25 -10.14 -25.12 13.25
N LYS B 26 -9.26 -24.95 12.27
CA LYS B 26 -7.81 -25.02 12.47
C LYS B 26 -7.36 -23.91 13.41
N ALA B 27 -7.88 -22.70 13.21
CA ALA B 27 -7.58 -21.59 14.13
C ALA B 27 -8.01 -21.93 15.55
N GLY B 28 -9.12 -22.64 15.67
CA GLY B 28 -9.65 -23.01 16.98
C GLY B 28 -8.73 -23.98 17.68
N LYS B 29 -8.27 -24.98 16.92
CA LYS B 29 -7.34 -25.97 17.41
C LYS B 29 -6.02 -25.30 17.81
N ASP B 30 -5.50 -24.42 16.95
CA ASP B 30 -4.24 -23.73 17.23
C ASP B 30 -4.32 -22.80 18.40
N LEU B 31 -5.44 -22.11 18.54
CA LEU B 31 -5.48 -21.02 19.52
C LEU B 31 -6.25 -21.32 20.79
N GLY B 32 -7.03 -22.39 20.80
CA GLY B 32 -7.78 -22.76 22.01
C GLY B 32 -9.23 -22.29 22.03
N PHE B 33 -9.99 -22.64 21.00
CA PHE B 33 -11.41 -22.35 21.00
C PHE B 33 -12.09 -23.26 20.02
N GLU B 34 -13.40 -23.37 20.18
CA GLU B 34 -14.20 -24.23 19.35
C GLU B 34 -15.11 -23.40 18.47
N VAL B 35 -15.42 -23.91 17.29
CA VAL B 35 -16.17 -23.16 16.30
C VAL B 35 -17.55 -23.77 16.03
N ILE B 36 -18.59 -22.96 16.19
CA ILE B 36 -19.93 -23.38 15.81
C ILE B 36 -20.20 -22.89 14.38
N LYS B 37 -20.38 -23.85 13.46
CA LYS B 37 -20.50 -23.53 12.04
C LYS B 37 -21.93 -23.69 11.63
N ILE B 38 -22.49 -22.62 11.08
CA ILE B 38 -23.89 -22.62 10.68
C ILE B 38 -24.02 -21.86 9.36
N ALA B 39 -24.80 -22.46 8.45
CA ALA B 39 -25.10 -21.85 7.17
C ALA B 39 -26.15 -20.78 7.35
N VAL B 40 -25.98 -19.66 6.67
CA VAL B 40 -26.94 -18.57 6.76
C VAL B 40 -27.41 -18.03 5.38
N PRO B 41 -28.10 -18.89 4.57
CA PRO B 41 -28.62 -18.53 3.22
C PRO B 41 -29.55 -17.34 3.15
N ASP B 42 -30.30 -17.07 4.21
CA ASP B 42 -31.22 -15.95 4.19
C ASP B 42 -31.24 -15.21 5.51
N GLY B 43 -32.11 -14.22 5.57
CA GLY B 43 -32.31 -13.40 6.74
C GLY B 43 -32.80 -14.09 8.01
N GLU B 44 -33.76 -15.00 7.89
CA GLU B 44 -34.30 -15.67 9.09
C GLU B 44 -33.31 -16.70 9.64
N LYS B 45 -32.64 -17.42 8.75
CA LYS B 45 -31.57 -18.33 9.13
C LYS B 45 -30.40 -17.62 9.80
N THR B 46 -30.11 -16.39 9.37
CA THR B 46 -29.04 -15.55 9.92
C THR B 46 -29.36 -15.18 11.35
N LEU B 47 -30.54 -14.61 11.54
CA LEU B 47 -30.94 -14.14 12.85
C LEU B 47 -31.23 -15.31 13.81
N ASN B 48 -31.79 -16.41 13.28
CA ASN B 48 -31.93 -17.64 14.07
C ASN B 48 -30.59 -18.17 14.52
N ALA B 49 -29.61 -18.12 13.63
CA ALA B 49 -28.29 -18.66 13.92
C ALA B 49 -27.65 -17.84 15.03
N ILE B 50 -27.88 -16.54 15.01
CA ILE B 50 -27.30 -15.69 16.03
C ILE B 50 -27.92 -16.03 17.39
N ASP B 51 -29.26 -16.24 17.43
CA ASP B 51 -29.93 -16.75 18.67
C ASP B 51 -29.38 -18.09 19.14
N SER B 52 -29.18 -19.02 18.23
CA SER B 52 -28.56 -20.28 18.57
C SER B 52 -27.14 -20.15 19.16
N LEU B 53 -26.29 -19.31 18.56
CA LEU B 53 -24.99 -18.99 19.14
C LEU B 53 -25.09 -18.48 20.59
N ALA B 54 -25.99 -17.55 20.82
CA ALA B 54 -26.18 -16.99 22.16
C ALA B 54 -26.58 -18.11 23.12
N ALA B 55 -27.52 -18.97 22.71
CA ALA B 55 -28.00 -20.11 23.50
C ALA B 55 -26.86 -21.08 23.84
N SER B 56 -25.94 -21.27 22.89
CA SER B 56 -24.75 -22.08 23.10
C SER B 56 -23.68 -21.39 23.97
N GLY B 57 -23.84 -20.12 24.29
CA GLY B 57 -22.83 -19.43 25.10
C GLY B 57 -21.62 -18.94 24.29
N ALA B 58 -21.75 -18.88 22.97
CA ALA B 58 -20.71 -18.25 22.11
C ALA B 58 -20.47 -16.77 22.48
N LYS B 59 -19.20 -16.33 22.49
CA LYS B 59 -18.91 -14.95 22.87
C LYS B 59 -18.69 -13.99 21.67
N GLY B 60 -18.75 -14.52 20.46
CA GLY B 60 -18.56 -13.74 19.23
C GLY B 60 -18.73 -14.65 18.02
N PHE B 61 -18.75 -14.07 16.82
CA PHE B 61 -18.87 -14.82 15.60
C PHE B 61 -18.33 -14.07 14.38
N VAL B 62 -17.90 -14.83 13.38
CA VAL B 62 -17.59 -14.25 12.08
C VAL B 62 -18.81 -14.51 11.21
N ILE B 63 -19.16 -13.56 10.35
CA ILE B 63 -20.27 -13.79 9.44
C ILE B 63 -19.99 -13.30 8.02
N SER B 64 -20.32 -14.12 7.03
CA SER B 64 -20.62 -13.56 5.72
C SER B 64 -22.15 -13.46 5.51
N THR B 65 -22.65 -12.24 5.53
CA THR B 65 -24.08 -11.98 5.44
C THR B 65 -24.62 -12.25 4.04
N PRO B 66 -25.80 -12.93 3.95
CA PRO B 66 -26.36 -13.23 2.63
C PRO B 66 -26.97 -11.97 2.06
N ASP B 67 -27.00 -10.93 2.86
CA ASP B 67 -27.56 -9.69 2.45
C ASP B 67 -26.97 -8.65 3.34
N PRO B 68 -26.26 -7.68 2.74
CA PRO B 68 -25.64 -6.53 3.41
C PRO B 68 -26.66 -5.70 4.19
N LYS B 69 -27.91 -5.64 3.71
CA LYS B 69 -29.00 -4.90 4.37
C LYS B 69 -29.47 -5.56 5.68
N LEU B 70 -29.01 -6.79 5.94
CA LEU B 70 -29.14 -7.40 7.29
C LEU B 70 -28.21 -6.83 8.36
N GLY B 71 -27.25 -5.98 7.94
CA GLY B 71 -26.21 -5.46 8.82
C GLY B 71 -26.69 -4.88 10.14
N SER B 72 -27.73 -4.05 10.09
CA SER B 72 -28.16 -3.30 11.28
C SER B 72 -28.81 -4.20 12.32
N ALA B 73 -29.54 -5.20 11.83
CA ALA B 73 -30.23 -6.18 12.64
C ALA B 73 -29.20 -7.12 13.29
N ILE B 74 -28.20 -7.56 12.51
CA ILE B 74 -27.06 -8.32 13.03
C ILE B 74 -26.33 -7.58 14.17
N VAL B 75 -26.01 -6.31 13.95
CA VAL B 75 -25.35 -5.48 14.96
C VAL B 75 -26.17 -5.37 16.26
N ALA B 76 -27.48 -5.10 16.15
CA ALA B 76 -28.33 -4.95 17.33
C ALA B 76 -28.48 -6.27 18.09
N LYS B 77 -28.65 -7.36 17.35
CA LYS B 77 -28.73 -8.70 17.92
C LYS B 77 -27.48 -9.07 18.66
N ALA B 78 -26.34 -8.86 18.00
CA ALA B 78 -25.05 -9.10 18.61
C ALA B 78 -24.87 -8.25 19.88
N ARG B 79 -25.28 -6.97 19.84
CA ARG B 79 -25.14 -6.12 21.03
C ARG B 79 -26.01 -6.63 22.20
N GLY B 80 -27.27 -6.94 21.95
CA GLY B 80 -28.14 -7.47 23.01
C GLY B 80 -27.62 -8.73 23.67
N TYR B 81 -26.94 -9.59 22.90
CA TYR B 81 -26.30 -10.79 23.40
C TYR B 81 -24.84 -10.58 23.90
N ASP B 82 -24.33 -9.34 23.84
CA ASP B 82 -22.95 -9.02 24.21
C ASP B 82 -21.92 -9.88 23.43
N MET B 83 -22.22 -10.14 22.15
CA MET B 83 -21.33 -10.95 21.30
C MET B 83 -20.60 -10.06 20.27
N LYS B 84 -19.30 -10.27 20.14
CA LYS B 84 -18.47 -9.55 19.16
C LYS B 84 -18.75 -10.05 17.75
N VAL B 85 -18.67 -9.13 16.79
CA VAL B 85 -18.97 -9.43 15.39
C VAL B 85 -17.90 -8.94 14.41
N ILE B 86 -17.39 -9.87 13.63
CA ILE B 86 -16.52 -9.52 12.51
C ILE B 86 -17.25 -10.02 11.28
N ALA B 87 -17.33 -9.18 10.24
CA ALA B 87 -17.86 -9.56 8.92
C ALA B 87 -16.74 -10.04 7.99
N VAL B 88 -16.99 -11.12 7.23
CA VAL B 88 -16.10 -11.49 6.11
C VAL B 88 -16.83 -11.34 4.78
N ASP B 89 -16.05 -11.06 3.72
CA ASP B 89 -16.51 -11.10 2.32
C ASP B 89 -17.52 -10.01 1.91
N ASN B 90 -18.58 -9.83 2.69
CA ASN B 90 -19.64 -8.90 2.31
C ASN B 90 -19.81 -7.79 3.37
N GLN B 91 -19.67 -6.55 2.92
CA GLN B 91 -19.79 -5.43 3.82
C GLN B 91 -21.24 -5.14 4.20
N PHE B 92 -21.45 -4.85 5.48
CA PHE B 92 -22.76 -4.46 6.00
C PHE B 92 -23.11 -3.08 5.47
N VAL B 93 -24.30 -2.93 4.92
CA VAL B 93 -24.81 -1.59 4.58
C VAL B 93 -26.05 -1.25 5.41
N ASN B 94 -26.17 0.02 5.84
CA ASN B 94 -27.34 0.46 6.61
C ASN B 94 -28.61 0.62 5.72
N ALA B 95 -29.71 1.10 6.30
CA ALA B 95 -30.97 1.21 5.54
C ALA B 95 -30.90 2.35 4.52
N LYS B 96 -30.20 3.43 4.89
CA LYS B 96 -30.03 4.56 3.98
C LYS B 96 -28.95 4.29 2.93
N GLY B 97 -28.52 3.04 2.81
CA GLY B 97 -27.61 2.60 1.74
C GLY B 97 -26.09 2.68 1.98
N LYS B 98 -25.68 3.36 3.05
CA LYS B 98 -24.26 3.58 3.32
C LYS B 98 -23.53 2.37 3.96
N PRO B 99 -22.24 2.16 3.61
CA PRO B 99 -21.48 1.07 4.26
C PRO B 99 -21.39 1.29 5.76
N MET B 100 -21.46 0.21 6.52
CA MET B 100 -21.31 0.29 7.95
C MET B 100 -19.83 0.06 8.31
N ASP B 101 -19.04 1.11 8.06
CA ASP B 101 -17.58 1.08 8.19
CA ASP B 101 -17.57 1.07 8.18
C ASP B 101 -17.05 0.68 9.56
N THR B 102 -17.88 0.86 10.58
CA THR B 102 -17.45 0.61 11.95
C THR B 102 -17.34 -0.86 12.34
N VAL B 103 -18.03 -1.74 11.62
CA VAL B 103 -17.90 -3.18 11.82
C VAL B 103 -16.61 -3.69 11.13
N PRO B 104 -15.75 -4.39 11.91
CA PRO B 104 -14.52 -4.93 11.30
C PRO B 104 -14.80 -5.85 10.11
N LEU B 105 -14.18 -5.56 8.98
CA LEU B 105 -14.41 -6.31 7.76
C LEU B 105 -13.10 -6.93 7.26
N VAL B 106 -13.14 -8.22 6.96
CA VAL B 106 -11.98 -8.93 6.43
C VAL B 106 -12.33 -9.48 5.06
N MET B 107 -11.54 -9.11 4.04
CA MET B 107 -11.74 -9.60 2.66
C MET B 107 -10.49 -10.23 2.05
N GLU B 108 -10.69 -11.18 1.15
CA GLU B 108 -9.65 -11.54 0.21
C GLU B 108 -9.45 -10.41 -0.79
N ALA B 109 -8.19 -10.18 -1.16
CA ALA B 109 -7.86 -9.23 -2.22
C ALA B 109 -8.58 -9.61 -3.51
N ALA B 110 -9.23 -8.61 -4.10
CA ALA B 110 -10.09 -8.82 -5.25
C ALA B 110 -9.34 -8.95 -6.57
N THR B 111 -8.19 -8.27 -6.70
CA THR B 111 -7.41 -8.23 -7.95
C THR B 111 -7.14 -9.61 -8.57
N LYS B 112 -7.37 -9.74 -9.86
CA LYS B 112 -7.12 -10.98 -10.59
C LYS B 112 -5.65 -11.07 -11.01
N ILE B 113 -5.14 -12.29 -11.20
CA ILE B 113 -3.69 -12.50 -11.33
C ILE B 113 -3.16 -11.88 -12.62
N GLY B 114 -3.98 -11.86 -13.65
CA GLY B 114 -3.65 -11.20 -14.90
C GLY B 114 -3.47 -9.71 -14.71
N GLU B 115 -4.41 -9.08 -14.01
CA GLU B 115 -4.34 -7.63 -13.74
C GLU B 115 -3.06 -7.32 -12.98
N ARG B 116 -2.85 -8.07 -11.92
CA ARG B 116 -1.68 -7.93 -11.09
C ARG B 116 -0.37 -8.05 -11.89
N GLN B 117 -0.33 -8.90 -12.90
CA GLN B 117 0.83 -8.99 -13.79
C GLN B 117 1.09 -7.68 -14.54
N GLY B 118 0.01 -7.07 -15.04
CA GLY B 118 0.08 -5.81 -15.77
C GLY B 118 0.55 -4.69 -14.86
N GLN B 119 0.01 -4.67 -13.62
CA GLN B 119 0.40 -3.67 -12.63
C GLN B 119 1.90 -3.81 -12.30
N GLU B 120 2.36 -5.05 -12.05
CA GLU B 120 3.75 -5.31 -11.67
C GLU B 120 4.72 -4.99 -12.78
N LEU B 121 4.29 -5.18 -14.01
CA LEU B 121 5.11 -4.88 -15.17
C LEU B 121 5.31 -3.36 -15.26
N TYR B 122 4.23 -2.63 -15.02
CA TYR B 122 4.26 -1.18 -15.11
C TYR B 122 5.09 -0.59 -13.98
N LYS B 123 4.93 -1.13 -12.78
CA LYS B 123 5.70 -0.70 -11.61
C LYS B 123 7.20 -0.90 -11.82
N GLU B 124 7.58 -2.06 -12.35
CA GLU B 124 8.99 -2.38 -12.57
C GLU B 124 9.56 -1.48 -13.68
N MET B 125 8.79 -1.27 -14.74
CA MET B 125 9.16 -0.30 -15.77
C MET B 125 9.39 1.13 -15.21
N GLN B 126 8.47 1.63 -14.37
CA GLN B 126 8.66 2.94 -13.75
CA GLN B 126 8.64 2.94 -13.71
C GLN B 126 9.96 2.99 -12.96
N LYS B 127 10.16 2.00 -12.08
CA LYS B 127 11.36 1.86 -11.27
C LYS B 127 12.65 1.97 -12.06
N ARG B 128 12.69 1.33 -13.23
CA ARG B 128 13.88 1.33 -14.07
C ARG B 128 14.03 2.62 -14.88
N GLY B 129 12.94 3.39 -14.97
CA GLY B 129 12.95 4.69 -15.66
C GLY B 129 13.00 4.63 -17.18
N TRP B 130 12.41 3.59 -17.77
CA TRP B 130 12.38 3.43 -19.22
C TRP B 130 11.69 4.60 -19.91
N ASP B 131 12.22 4.99 -21.06
CA ASP B 131 11.56 5.97 -21.89
C ASP B 131 10.38 5.29 -22.62
N VAL B 132 9.16 5.66 -22.24
CA VAL B 132 7.95 5.02 -22.76
C VAL B 132 7.84 5.09 -24.29
N LYS B 133 8.39 6.16 -24.87
CA LYS B 133 8.37 6.37 -26.32
C LYS B 133 9.15 5.30 -27.08
N GLU B 134 10.15 4.71 -26.43
CA GLU B 134 10.94 3.65 -27.05
C GLU B 134 10.68 2.24 -26.44
N SER B 135 9.54 2.11 -25.78
CA SER B 135 9.13 0.89 -25.10
C SER B 135 7.92 0.28 -25.79
N ALA B 136 7.75 -1.03 -25.65
CA ALA B 136 6.52 -1.71 -26.07
C ALA B 136 6.14 -2.95 -25.23
N VAL B 137 4.85 -3.28 -25.29
CA VAL B 137 4.29 -4.54 -24.77
C VAL B 137 4.13 -5.56 -25.91
N MET B 138 4.71 -6.73 -25.69
CA MET B 138 4.51 -7.95 -26.48
C MET B 138 3.56 -8.84 -25.65
N ALA B 139 2.34 -9.06 -26.18
CA ALA B 139 1.37 -9.92 -25.50
C ALA B 139 1.17 -11.22 -26.26
N ILE B 140 1.91 -12.26 -25.86
CA ILE B 140 1.77 -13.62 -26.41
C ILE B 140 0.47 -14.24 -25.88
N THR B 141 -0.52 -14.41 -26.76
CA THR B 141 -1.83 -14.84 -26.32
C THR B 141 -2.18 -16.26 -26.69
N ALA B 142 -3.10 -16.85 -25.92
CA ALA B 142 -3.71 -18.14 -26.27
C ALA B 142 -5.21 -18.06 -26.01
N ASN B 143 -5.89 -17.28 -26.83
CA ASN B 143 -7.29 -16.94 -26.63
C ASN B 143 -8.33 -18.08 -26.64
N GLU B 144 -7.92 -19.27 -27.10
CA GLU B 144 -8.73 -20.51 -27.07
C GLU B 144 -9.08 -20.93 -25.65
N LEU B 145 -8.21 -20.57 -24.73
CA LEU B 145 -8.31 -21.00 -23.35
C LEU B 145 -8.83 -19.84 -22.54
N ASP B 146 -9.94 -20.06 -21.85
CA ASP B 146 -10.58 -19.01 -21.07
C ASP B 146 -9.70 -18.41 -19.96
N THR B 147 -8.91 -19.25 -19.28
CA THR B 147 -7.98 -18.74 -18.26
C THR B 147 -6.87 -17.88 -18.90
N ALA B 148 -6.30 -18.35 -20.01
CA ALA B 148 -5.30 -17.60 -20.75
C ALA B 148 -5.81 -16.24 -21.26
N ARG B 149 -7.02 -16.24 -21.85
CA ARG B 149 -7.64 -15.02 -22.36
C ARG B 149 -7.94 -14.04 -21.24
N ARG B 150 -8.59 -14.49 -20.18
CA ARG B 150 -8.81 -13.66 -19.00
C ARG B 150 -7.52 -13.04 -18.44
N ARG B 151 -6.44 -13.83 -18.40
CA ARG B 151 -5.15 -13.39 -17.84
C ARG B 151 -4.46 -12.34 -18.69
N THR B 152 -4.27 -12.62 -19.97
CA THR B 152 -3.60 -11.66 -20.86
C THR B 152 -4.42 -10.38 -21.13
N THR B 153 -5.72 -10.54 -21.37
CA THR B 153 -6.62 -9.41 -21.44
C THR B 153 -6.59 -8.58 -20.15
N GLY B 154 -6.63 -9.25 -19.00
CA GLY B 154 -6.55 -8.58 -17.71
C GLY B 154 -5.23 -7.81 -17.53
N SER B 155 -4.15 -8.38 -18.06
CA SER B 155 -2.82 -7.76 -17.97
C SER B 155 -2.73 -6.52 -18.88
N MET B 156 -3.25 -6.64 -20.10
CA MET B 156 -3.30 -5.52 -21.04
C MET B 156 -4.16 -4.38 -20.50
N ASP B 157 -5.33 -4.75 -19.97
CA ASP B 157 -6.23 -3.78 -19.36
C ASP B 157 -5.54 -2.99 -18.27
N ALA B 158 -4.81 -3.68 -17.39
CA ALA B 158 -4.14 -3.02 -16.26
C ALA B 158 -3.03 -2.08 -16.74
N LEU B 159 -2.29 -2.50 -17.76
CA LEU B 159 -1.24 -1.69 -18.38
C LEU B 159 -1.79 -0.41 -19.01
N LYS B 160 -2.96 -0.52 -19.67
CA LYS B 160 -3.62 0.62 -20.28
C LYS B 160 -4.18 1.54 -19.21
N ALA B 161 -4.71 0.96 -18.14
CA ALA B 161 -5.25 1.76 -17.02
C ALA B 161 -4.16 2.48 -16.23
N ALA B 162 -2.93 1.96 -16.30
CA ALA B 162 -1.81 2.56 -15.59
C ALA B 162 -1.24 3.72 -16.39
N GLY B 163 -1.43 3.69 -17.71
CA GLY B 163 -0.94 4.75 -18.58
C GLY B 163 -0.08 4.33 -19.74
N PHE B 164 0.13 3.03 -19.93
CA PHE B 164 0.88 2.58 -21.10
C PHE B 164 0.07 2.90 -22.36
N PRO B 165 0.73 3.51 -23.38
CA PRO B 165 0.07 3.84 -24.65
C PRO B 165 -0.45 2.60 -25.38
N GLU B 166 -1.76 2.57 -25.61
CA GLU B 166 -2.40 1.41 -26.21
C GLU B 166 -1.97 1.05 -27.64
N LYS B 167 -1.25 1.95 -28.33
CA LYS B 167 -0.74 1.64 -29.68
C LYS B 167 0.70 1.12 -29.68
N GLN B 168 1.25 1.00 -28.46
CA GLN B 168 2.52 0.30 -28.28
C GLN B 168 2.33 -1.06 -27.56
N ILE B 169 1.08 -1.52 -27.49
CA ILE B 169 0.75 -2.88 -27.00
C ILE B 169 0.43 -3.81 -28.17
N TYR B 170 1.38 -4.68 -28.50
CA TYR B 170 1.26 -5.60 -29.64
C TYR B 170 0.97 -7.06 -29.25
N GLN B 171 -0.12 -7.60 -29.77
CA GLN B 171 -0.52 -8.99 -29.54
C GLN B 171 0.02 -9.96 -30.60
N VAL B 172 0.25 -11.19 -30.18
CA VAL B 172 0.59 -12.28 -31.08
C VAL B 172 0.19 -13.63 -30.45
N PRO B 173 -0.71 -14.38 -31.12
CA PRO B 173 -1.03 -15.69 -30.57
C PRO B 173 0.12 -16.70 -30.64
N THR B 174 0.21 -17.55 -29.62
CA THR B 174 1.13 -18.69 -29.64
C THR B 174 0.39 -19.91 -30.20
N LYS B 175 1.12 -20.81 -30.84
CA LYS B 175 0.54 -22.03 -31.41
C LYS B 175 0.47 -23.18 -30.38
N SER B 176 1.24 -23.04 -29.30
CA SER B 176 1.24 -23.97 -28.18
C SER B 176 1.47 -23.32 -26.79
N GLU B 177 1.20 -24.13 -25.77
CA GLU B 177 1.23 -23.70 -24.39
C GLU B 177 2.59 -24.00 -23.79
N ASP B 178 3.64 -23.77 -24.54
CA ASP B 178 4.97 -24.09 -24.06
C ASP B 178 5.99 -23.05 -24.45
N ILE B 179 7.21 -23.22 -23.95
CA ILE B 179 8.33 -22.33 -24.30
C ILE B 179 8.55 -22.14 -25.82
N PRO B 180 8.72 -23.24 -26.59
CA PRO B 180 8.90 -23.10 -28.05
C PRO B 180 7.83 -22.26 -28.74
N GLY B 181 6.56 -22.58 -28.49
CA GLY B 181 5.42 -21.83 -29.02
C GLY B 181 5.53 -20.33 -28.80
N ALA B 182 5.90 -19.95 -27.58
CA ALA B 182 5.99 -18.54 -27.22
C ALA B 182 7.25 -17.91 -27.82
N PHE B 183 8.31 -18.69 -27.95
CA PHE B 183 9.56 -18.28 -28.58
C PHE B 183 9.32 -17.89 -30.04
N ASP B 184 8.68 -18.79 -30.79
CA ASP B 184 8.23 -18.51 -32.16
C ASP B 184 7.39 -17.23 -32.23
N ALA B 185 6.47 -17.05 -31.29
CA ALA B 185 5.57 -15.89 -31.28
C ALA B 185 6.27 -14.56 -30.98
N ALA B 186 7.19 -14.61 -30.01
CA ALA B 186 8.03 -13.47 -29.73
C ALA B 186 8.82 -13.08 -30.99
N ASN B 187 9.48 -14.06 -31.62
CA ASN B 187 10.36 -13.79 -32.76
C ASN B 187 9.65 -13.06 -33.89
N SER B 188 8.44 -13.47 -34.20
CA SER B 188 7.63 -12.79 -35.21
C SER B 188 7.36 -11.33 -34.80
N MET B 189 7.15 -11.12 -33.51
CA MET B 189 6.89 -9.81 -32.94
C MET B 189 8.13 -8.91 -32.98
N LEU B 190 9.29 -9.48 -32.63
CA LEU B 190 10.55 -8.75 -32.64
C LEU B 190 10.95 -8.32 -34.04
N VAL B 191 10.80 -9.22 -35.02
CA VAL B 191 11.15 -8.91 -36.42
C VAL B 191 10.25 -7.85 -37.04
N GLN B 192 8.99 -7.78 -36.61
CA GLN B 192 8.07 -6.78 -37.17
C GLN B 192 8.07 -5.44 -36.41
N HIS B 193 8.75 -5.41 -35.27
CA HIS B 193 8.91 -4.19 -34.48
C HIS B 193 10.36 -4.01 -34.01
N PRO B 194 11.33 -3.87 -34.95
CA PRO B 194 12.73 -3.78 -34.51
C PRO B 194 13.13 -2.40 -33.99
N GLU B 195 12.24 -1.41 -34.11
CA GLU B 195 12.49 -0.05 -33.61
C GLU B 195 12.39 0.07 -32.09
N VAL B 196 11.97 -1.02 -31.42
CA VAL B 196 11.66 -1.00 -29.99
C VAL B 196 12.90 -1.39 -29.22
N LYS B 197 13.16 -0.65 -28.15
CA LYS B 197 14.38 -0.79 -27.34
C LYS B 197 14.16 -1.53 -26.03
N HIS B 198 12.98 -1.35 -25.44
CA HIS B 198 12.68 -2.00 -24.18
C HIS B 198 11.35 -2.71 -24.30
N TRP B 199 11.30 -3.96 -23.83
CA TRP B 199 10.10 -4.81 -23.96
C TRP B 199 9.47 -5.31 -22.64
N LEU B 200 8.15 -5.16 -22.54
CA LEU B 200 7.36 -5.82 -21.49
C LEU B 200 6.67 -7.04 -22.08
N ILE B 201 6.91 -8.21 -21.49
CA ILE B 201 6.34 -9.47 -22.00
C ILE B 201 5.16 -9.97 -21.18
N VAL B 202 4.01 -9.92 -21.82
CA VAL B 202 2.77 -10.41 -21.25
C VAL B 202 2.50 -11.82 -21.76
N GLY B 203 2.07 -12.71 -20.86
CA GLY B 203 1.76 -14.11 -21.22
C GLY B 203 1.04 -14.80 -20.08
N MET B 204 0.37 -15.91 -20.39
CA MET B 204 -0.54 -16.57 -19.46
C MET B 204 0.15 -17.26 -18.29
N ASN B 205 1.40 -17.68 -18.49
CA ASN B 205 2.15 -18.42 -17.45
C ASN B 205 3.67 -18.26 -17.54
N ASP B 206 4.41 -19.00 -16.74
CA ASP B 206 5.88 -18.92 -16.78
C ASP B 206 6.46 -19.31 -18.15
N SER B 207 6.00 -20.45 -18.68
CA SER B 207 6.45 -20.96 -19.97
C SER B 207 6.34 -19.94 -21.11
N THR B 208 5.18 -19.26 -21.18
CA THR B 208 4.92 -18.25 -22.19
C THR B 208 5.88 -17.09 -22.08
N VAL B 209 6.07 -16.60 -20.84
CA VAL B 209 6.91 -15.44 -20.62
C VAL B 209 8.36 -15.79 -20.92
N LEU B 210 8.79 -16.98 -20.50
CA LEU B 210 10.14 -17.47 -20.80
C LEU B 210 10.44 -17.56 -22.29
N GLY B 211 9.46 -18.00 -23.08
CA GLY B 211 9.59 -18.07 -24.52
C GLY B 211 9.91 -16.70 -25.08
N GLY B 212 9.18 -15.69 -24.61
CA GLY B 212 9.43 -14.29 -24.96
C GLY B 212 10.84 -13.84 -24.56
N VAL B 213 11.21 -14.14 -23.32
CA VAL B 213 12.51 -13.79 -22.76
C VAL B 213 13.68 -14.47 -23.51
N ARG B 214 13.55 -15.75 -23.84
CA ARG B 214 14.56 -16.42 -24.67
C ARG B 214 14.64 -15.81 -26.08
N ALA B 215 13.51 -15.40 -26.63
CA ALA B 215 13.49 -14.80 -27.97
C ALA B 215 14.22 -13.45 -28.00
N THR B 216 14.02 -12.64 -26.96
CA THR B 216 14.73 -11.37 -26.85
C THR B 216 16.23 -11.62 -26.67
N GLU B 217 16.59 -12.68 -25.96
CA GLU B 217 18.00 -13.05 -25.79
C GLU B 217 18.73 -13.38 -27.11
N GLY B 218 18.05 -14.11 -28.00
CA GLY B 218 18.59 -14.42 -29.32
C GLY B 218 18.76 -13.18 -30.19
N GLN B 219 17.97 -12.14 -29.93
CA GLN B 219 18.15 -10.84 -30.59
C GLN B 219 19.14 -9.91 -29.86
N GLY B 220 19.94 -10.46 -28.94
CA GLY B 220 20.89 -9.69 -28.17
C GLY B 220 20.34 -8.53 -27.34
N PHE B 221 19.09 -8.66 -26.86
CA PHE B 221 18.58 -7.75 -25.82
C PHE B 221 19.20 -8.11 -24.47
N LYS B 222 19.43 -7.12 -23.62
CA LYS B 222 20.02 -7.36 -22.30
C LYS B 222 18.94 -7.38 -21.20
N ALA B 223 19.22 -8.07 -20.10
CA ALA B 223 18.28 -8.23 -18.98
C ALA B 223 17.59 -6.90 -18.59
N ALA B 224 18.39 -5.83 -18.57
CA ALA B 224 17.95 -4.48 -18.23
C ALA B 224 16.79 -3.99 -19.09
N ASP B 225 16.78 -4.42 -20.36
CA ASP B 225 15.82 -3.90 -21.31
C ASP B 225 14.57 -4.77 -21.48
N ILE B 226 14.50 -5.84 -20.71
CA ILE B 226 13.38 -6.77 -20.81
C ILE B 226 12.76 -7.00 -19.44
N ILE B 227 11.44 -6.85 -19.34
CA ILE B 227 10.72 -7.29 -18.15
C ILE B 227 9.61 -8.30 -18.51
N GLY B 228 9.74 -9.51 -17.99
CA GLY B 228 8.70 -10.52 -18.13
C GLY B 228 8.36 -11.03 -16.74
N ILE B 229 7.07 -11.06 -16.42
CA ILE B 229 6.63 -11.64 -15.15
C ILE B 229 5.70 -12.84 -15.36
N GLY B 230 6.12 -14.01 -14.88
CA GLY B 230 5.36 -15.22 -15.10
C GLY B 230 4.13 -15.29 -14.20
N ILE B 231 3.26 -16.26 -14.50
CA ILE B 231 2.10 -16.55 -13.65
C ILE B 231 2.18 -18.00 -13.27
N ASN B 232 2.07 -18.26 -11.96
CA ASN B 232 1.98 -19.59 -11.35
C ASN B 232 3.30 -20.23 -11.03
N GLY B 233 4.40 -19.63 -11.50
CA GLY B 233 5.73 -20.00 -11.04
C GLY B 233 6.21 -21.42 -11.25
N VAL B 234 5.73 -22.10 -12.31
CA VAL B 234 6.17 -23.46 -12.60
C VAL B 234 7.67 -23.52 -12.87
N ASP B 235 8.16 -22.54 -13.64
CA ASP B 235 9.53 -22.51 -14.12
C ASP B 235 10.32 -21.40 -13.44
N ALA B 236 9.74 -20.84 -12.38
CA ALA B 236 10.32 -19.68 -11.72
C ALA B 236 11.59 -19.96 -10.92
N VAL B 237 11.61 -21.01 -10.10
CA VAL B 237 12.83 -21.32 -9.32
C VAL B 237 14.03 -21.52 -10.22
N SER B 238 13.87 -22.34 -11.27
CA SER B 238 14.97 -22.64 -12.19
C SER B 238 15.58 -21.39 -12.83
N GLU B 239 14.73 -20.42 -13.17
CA GLU B 239 15.17 -19.22 -13.87
C GLU B 239 15.80 -18.18 -12.93
N LEU B 240 15.16 -17.97 -11.78
CA LEU B 240 15.62 -17.04 -10.74
C LEU B 240 16.86 -17.53 -9.99
N SER B 241 17.09 -18.85 -10.01
CA SER B 241 18.30 -19.47 -9.45
C SER B 241 19.57 -19.31 -10.28
N LYS B 242 19.45 -18.80 -11.51
CA LYS B 242 20.61 -18.64 -12.36
C LYS B 242 21.65 -17.67 -11.78
N ALA B 243 22.86 -17.69 -12.31
CA ALA B 243 23.92 -16.81 -11.86
C ALA B 243 23.55 -15.36 -12.19
N GLN B 244 23.22 -15.10 -13.45
CA GLN B 244 22.88 -13.78 -13.93
C GLN B 244 21.38 -13.55 -13.95
N ALA B 245 20.98 -12.28 -13.83
CA ALA B 245 19.59 -11.88 -13.99
C ALA B 245 19.23 -11.93 -15.47
N THR B 246 17.99 -12.32 -15.76
CA THR B 246 17.48 -12.34 -17.15
C THR B 246 16.30 -11.39 -17.25
N GLY B 247 15.69 -11.31 -18.44
CA GLY B 247 14.44 -10.59 -18.63
C GLY B 247 13.26 -11.18 -17.86
N PHE B 248 13.41 -12.41 -17.35
CA PHE B 248 12.38 -13.01 -16.52
C PHE B 248 12.55 -12.40 -15.15
N TYR B 249 11.78 -11.37 -14.85
CA TYR B 249 11.97 -10.57 -13.62
C TYR B 249 11.43 -11.33 -12.40
N GLY B 250 10.38 -12.10 -12.62
CA GLY B 250 9.74 -12.80 -11.51
C GLY B 250 8.48 -13.53 -11.93
N SER B 251 7.80 -14.07 -10.93
CA SER B 251 6.58 -14.79 -11.19
C SER B 251 5.58 -14.55 -10.07
N LEU B 252 4.31 -14.55 -10.45
CA LEU B 252 3.22 -14.35 -9.51
C LEU B 252 2.71 -15.70 -9.00
N LEU B 253 2.82 -15.89 -7.69
CA LEU B 253 2.43 -17.13 -7.02
C LEU B 253 1.18 -16.98 -6.16
N PRO B 254 0.08 -17.67 -6.57
CA PRO B 254 -1.14 -17.75 -5.77
C PRO B 254 -0.84 -18.48 -4.46
N SER B 255 -1.37 -17.95 -3.36
CA SER B 255 -1.29 -18.68 -2.10
C SER B 255 -2.70 -19.14 -1.76
N PRO B 256 -2.81 -20.15 -0.88
CA PRO B 256 -4.14 -20.62 -0.51
C PRO B 256 -4.94 -19.51 0.19
N ASP B 257 -6.24 -19.49 -0.01
CA ASP B 257 -7.12 -18.51 0.65
C ASP B 257 -7.32 -18.89 2.13
N VAL B 258 -6.79 -18.05 3.01
CA VAL B 258 -6.77 -18.36 4.44
C VAL B 258 -7.47 -17.30 5.31
N HIS B 259 -8.24 -16.39 4.70
CA HIS B 259 -8.89 -15.33 5.51
C HIS B 259 -9.91 -15.88 6.52
N GLY B 260 -10.34 -17.13 6.31
CA GLY B 260 -11.16 -17.86 7.27
C GLY B 260 -10.39 -18.07 8.56
N TYR B 261 -9.11 -18.41 8.42
CA TYR B 261 -8.22 -18.52 9.58
C TYR B 261 -7.99 -17.16 10.23
N LYS B 262 -7.70 -16.15 9.41
CA LYS B 262 -7.33 -14.84 9.92
C LYS B 262 -8.46 -14.13 10.68
N SER B 263 -9.65 -14.05 10.06
CA SER B 263 -10.86 -13.50 10.72
C SER B 263 -11.19 -14.19 12.03
N SER B 264 -11.01 -15.51 12.07
CA SER B 264 -11.25 -16.29 13.29
C SER B 264 -10.24 -15.97 14.39
N GLU B 265 -8.98 -15.81 13.99
CA GLU B 265 -7.93 -15.43 14.91
C GLU B 265 -8.17 -14.01 15.40
N MET B 266 -8.55 -13.11 14.49
CA MET B 266 -8.91 -11.76 14.92
C MET B 266 -9.99 -11.76 16.00
N LEU B 267 -11.00 -12.59 15.81
CA LEU B 267 -12.15 -12.67 16.72
C LEU B 267 -11.70 -13.21 18.06
N TYR B 268 -10.93 -14.29 18.00
CA TYR B 268 -10.26 -14.80 19.19
C TYR B 268 -9.51 -13.69 19.95
N ASN B 269 -8.66 -12.92 19.25
CA ASN B 269 -7.85 -11.90 19.94
C ASN B 269 -8.73 -10.81 20.55
N TRP B 270 -9.79 -10.43 19.83
CA TRP B 270 -10.80 -9.51 20.36
C TRP B 270 -11.51 -10.02 21.62
N VAL B 271 -12.08 -11.22 21.55
CA VAL B 271 -12.87 -11.80 22.65
C VAL B 271 -11.99 -12.21 23.84
N ALA B 272 -10.91 -12.92 23.55
CA ALA B 272 -10.12 -13.49 24.62
C ALA B 272 -9.09 -12.51 25.20
N LYS B 273 -8.68 -11.50 24.42
CA LYS B 273 -7.50 -10.70 24.79
C LYS B 273 -7.77 -9.22 24.69
N ASP B 274 -9.01 -8.89 24.35
CA ASP B 274 -9.44 -7.52 24.16
C ASP B 274 -8.60 -6.72 23.18
N VAL B 275 -8.19 -7.36 22.10
CA VAL B 275 -7.54 -6.62 21.04
C VAL B 275 -8.57 -6.28 19.95
N GLU B 276 -9.00 -5.02 19.94
CA GLU B 276 -9.92 -4.50 18.94
C GLU B 276 -9.29 -4.72 17.59
N PRO B 277 -10.03 -5.34 16.66
CA PRO B 277 -9.47 -5.58 15.32
C PRO B 277 -9.44 -4.31 14.49
N PRO B 278 -8.70 -4.32 13.38
CA PRO B 278 -8.81 -3.18 12.46
C PRO B 278 -10.17 -3.19 11.73
N LYS B 279 -10.62 -1.99 11.36
CA LYS B 279 -11.88 -1.81 10.65
C LYS B 279 -11.89 -2.49 9.30
N PHE B 280 -10.77 -2.46 8.59
CA PHE B 280 -10.65 -3.14 7.30
C PHE B 280 -9.30 -3.84 7.12
N THR B 281 -9.38 -5.09 6.66
CA THR B 281 -8.21 -5.91 6.36
C THR B 281 -8.46 -6.60 5.02
N GLU B 282 -7.56 -6.36 4.06
CA GLU B 282 -7.55 -7.08 2.80
C GLU B 282 -6.42 -8.11 2.83
N VAL B 283 -6.75 -9.39 2.69
CA VAL B 283 -5.76 -10.46 2.76
C VAL B 283 -5.20 -10.78 1.36
N THR B 284 -3.86 -10.93 1.31
CA THR B 284 -3.10 -11.18 0.08
C THR B 284 -3.26 -12.62 -0.35
N ASP B 285 -3.50 -12.80 -1.65
CA ASP B 285 -3.66 -14.15 -2.22
CA ASP B 285 -3.69 -14.13 -2.26
C ASP B 285 -2.59 -14.46 -3.27
N VAL B 286 -1.93 -13.41 -3.77
CA VAL B 286 -0.87 -13.52 -4.76
C VAL B 286 0.40 -12.84 -4.26
N VAL B 287 1.51 -13.56 -4.25
CA VAL B 287 2.83 -12.98 -3.99
C VAL B 287 3.71 -12.92 -5.27
N LEU B 288 4.52 -11.88 -5.38
CA LEU B 288 5.46 -11.75 -6.50
C LEU B 288 6.84 -12.20 -6.07
N ILE B 289 7.31 -13.31 -6.61
CA ILE B 289 8.67 -13.75 -6.31
C ILE B 289 9.66 -13.25 -7.36
N THR B 290 10.80 -12.79 -6.88
CA THR B 290 11.84 -12.22 -7.72
C THR B 290 13.16 -12.84 -7.30
N ARG B 291 14.27 -12.36 -7.86
CA ARG B 291 15.58 -12.83 -7.41
C ARG B 291 15.81 -12.54 -5.91
N ASP B 292 15.23 -11.45 -5.40
CA ASP B 292 15.44 -11.01 -4.02
C ASP B 292 14.84 -11.88 -2.90
N ASN B 293 13.68 -12.50 -3.16
CA ASN B 293 12.86 -13.08 -2.09
C ASN B 293 12.38 -14.52 -2.30
N PHE B 294 12.71 -15.11 -3.45
CA PHE B 294 12.21 -16.46 -3.77
C PHE B 294 12.80 -17.53 -2.83
N LYS B 295 14.00 -17.25 -2.30
#